data_9GAK
#
_entry.id   9GAK
#
_cell.length_a   80.250
_cell.length_b   81.290
_cell.length_c   46.120
_cell.angle_alpha   90.00
_cell.angle_beta   90.00
_cell.angle_gamma   90.00
#
_symmetry.space_group_name_H-M   'P 21 21 2'
#
loop_
_entity.id
_entity.type
_entity.pdbx_description
1 polymer 'Carbonic anhydrase 2'
2 polymer 'Aromatic foldamer'
3 non-polymer 'ZINC ION'
4 non-polymer GLYCEROL
5 water water
#
loop_
_entity_poly.entity_id
_entity_poly.type
_entity_poly.pdbx_seq_one_letter_code
_entity_poly.pdbx_strand_id
1 'polypeptide(L)'
;MSHHWGYGKHNGPEHWHKDFPIAKGERQSPVDIDTHTAKYDPSLKPLSVSYDQATSLRILNNGHAFNVEFDDSQDKAVLK
GGPLDGTYRLIQFHFHWGSLDGQGSEHTVDKKKYAAELHLVHWNTKYGDFGKAVQQPDGLAVLGIFLKVGSAKPGLQKVV
DVLDSIKTKGKSADFTNFDPRGLLPESLDYWTYPGSLTTPPLLECVTWIVLKEPISVSSEQVLKFRKLNFNGEGEPEELM
VDNWRPAQPLKNRQIKASFK
;
A
2 'polypeptide(L)'
;(4SO)(A1IJ4)(QUJ)(ZY9)(QVS)(QUK)(ZY9)(QVE)(ZY9)(ZY9)(QVS)(A1IJP)(QDD)(ZY9)(QVE)
(QUK)
;
B
#
loop_
_chem_comp.id
_chem_comp.type
_chem_comp.name
_chem_comp.formula
4SO non-polymer '4-sulfamoylbenzoic acid' 'C7 H7 N O4 S'
GOL non-polymer GLYCEROL 'C3 H8 O3'
ZN non-polymer 'ZINC ION' 'Zn 2'
#
# COMPACT_ATOMS: atom_id res chain seq x y z
N HIS A 4 -18.10 5.86 -4.38
CA HIS A 4 -18.36 6.51 -5.70
C HIS A 4 -17.14 6.41 -6.61
N TRP A 5 -15.92 6.69 -6.07
CA TRP A 5 -14.70 6.48 -6.83
C TRP A 5 -14.37 4.99 -6.88
N GLY A 6 -13.66 4.58 -7.94
CA GLY A 6 -13.30 3.18 -8.08
C GLY A 6 -12.18 2.98 -9.10
N TYR A 7 -12.23 1.85 -9.79
CA TYR A 7 -11.26 1.51 -10.81
C TYR A 7 -11.98 1.22 -12.12
N GLY A 8 -13.23 1.70 -12.22
CA GLY A 8 -14.03 1.49 -13.42
C GLY A 8 -13.68 2.51 -14.49
N LYS A 9 -14.19 2.28 -15.72
CA LYS A 9 -13.91 3.11 -16.88
C LYS A 9 -14.37 4.54 -16.64
N HIS A 10 -15.11 4.77 -15.54
CA HIS A 10 -15.93 5.96 -15.39
C HIS A 10 -15.59 6.67 -14.08
N ASN A 11 -15.21 5.89 -13.07
CA ASN A 11 -14.94 6.40 -11.73
C ASN A 11 -13.49 6.11 -11.38
N GLY A 12 -12.67 5.91 -12.42
CA GLY A 12 -11.36 5.32 -12.26
C GLY A 12 -10.28 6.36 -12.00
N PRO A 13 -9.03 5.92 -11.80
CA PRO A 13 -7.90 6.83 -11.61
C PRO A 13 -7.84 8.07 -12.50
N GLU A 14 -8.27 7.93 -13.77
CA GLU A 14 -8.17 9.01 -14.73
C GLU A 14 -9.15 10.13 -14.38
N HIS A 15 -10.19 9.81 -13.60
CA HIS A 15 -11.24 10.78 -13.31
C HIS A 15 -11.21 11.26 -11.85
N TRP A 16 -10.20 10.86 -11.07
CA TRP A 16 -10.25 11.09 -9.62
C TRP A 16 -10.09 12.58 -9.33
N HIS A 17 -9.27 13.24 -10.15
CA HIS A 17 -8.97 14.66 -9.97
C HIS A 17 -10.25 15.49 -9.85
N LYS A 18 -11.37 14.98 -10.37
CA LYS A 18 -12.62 15.73 -10.43
C LYS A 18 -13.09 16.06 -9.02
N ASP A 19 -12.98 15.09 -8.11
CA ASP A 19 -13.43 15.26 -6.73
C ASP A 19 -12.23 15.47 -5.80
N PHE A 20 -11.05 15.07 -6.28
CA PHE A 20 -9.84 15.09 -5.47
C PHE A 20 -8.77 15.80 -6.28
N PRO A 21 -8.82 17.14 -6.37
CA PRO A 21 -7.94 17.88 -7.26
C PRO A 21 -6.45 17.80 -6.91
N ILE A 22 -6.11 17.21 -5.76
CA ILE A 22 -4.70 16.98 -5.45
C ILE A 22 -4.16 15.82 -6.30
N ALA A 23 -5.04 15.09 -7.00
CA ALA A 23 -4.61 14.03 -7.90
C ALA A 23 -3.63 14.55 -8.94
N LYS A 24 -3.63 15.87 -9.20
CA LYS A 24 -2.73 16.47 -10.16
C LYS A 24 -1.63 17.25 -9.45
N GLY A 25 -1.41 16.96 -8.16
CA GLY A 25 -0.42 17.66 -7.37
C GLY A 25 0.99 17.22 -7.74
N GLU A 26 1.97 17.63 -6.91
CA GLU A 26 3.38 17.53 -7.25
C GLU A 26 4.02 16.27 -6.65
N ARG A 27 3.31 15.60 -5.75
CA ARG A 27 3.89 14.49 -4.99
C ARG A 27 2.96 13.29 -5.01
N GLN A 28 2.51 12.92 -6.22
CA GLN A 28 1.52 11.88 -6.36
C GLN A 28 2.23 10.54 -6.54
N SER A 29 1.60 9.49 -5.98
CA SER A 29 2.09 8.13 -6.05
C SER A 29 1.04 7.25 -6.71
N PRO A 30 1.41 6.19 -7.46
CA PRO A 30 2.80 5.72 -7.54
C PRO A 30 3.60 6.42 -8.62
N VAL A 31 4.84 5.95 -8.81
CA VAL A 31 5.75 6.47 -9.81
C VAL A 31 6.53 5.31 -10.40
N ASP A 32 7.10 5.52 -11.57
CA ASP A 32 8.01 4.55 -12.14
C ASP A 32 9.40 4.79 -11.57
N ILE A 33 10.06 3.70 -11.18
CA ILE A 33 11.38 3.75 -10.60
C ILE A 33 12.40 3.42 -11.68
N ASP A 34 13.10 4.46 -12.18
CA ASP A 34 14.15 4.31 -13.17
C ASP A 34 15.49 4.04 -12.48
N THR A 35 16.00 2.82 -12.63
CA THR A 35 17.17 2.40 -11.87
C THR A 35 18.37 3.28 -12.24
N HIS A 36 18.37 3.79 -13.48
CA HIS A 36 19.48 4.58 -13.97
C HIS A 36 19.55 5.94 -13.26
N THR A 37 18.39 6.56 -13.01
CA THR A 37 18.36 7.92 -12.49
C THR A 37 18.24 7.91 -10.96
N ALA A 38 17.80 6.78 -10.41
CA ALA A 38 17.64 6.66 -8.96
C ALA A 38 18.98 6.26 -8.34
N LYS A 39 19.60 7.23 -7.66
CA LYS A 39 21.00 7.14 -7.28
C LYS A 39 21.12 6.69 -5.82
N TYR A 40 22.22 5.99 -5.52
CA TYR A 40 22.50 5.47 -4.19
C TYR A 40 22.80 6.62 -3.24
N ASP A 41 22.30 6.53 -2.01
CA ASP A 41 22.52 7.55 -1.01
C ASP A 41 23.09 6.90 0.24
N PRO A 42 24.40 7.02 0.49
CA PRO A 42 25.06 6.26 1.55
C PRO A 42 24.75 6.82 2.93
N SER A 43 23.96 7.90 2.98
CA SER A 43 23.49 8.45 4.25
C SER A 43 22.12 7.87 4.62
N LEU A 44 21.54 7.03 3.75
CA LEU A 44 20.36 6.26 4.11
C LEU A 44 20.76 5.18 5.11
N LYS A 45 20.01 5.10 6.21
CA LYS A 45 20.22 4.07 7.21
C LYS A 45 19.43 2.83 6.82
N PRO A 46 19.65 1.67 7.50
CA PRO A 46 18.89 0.46 7.19
C PRO A 46 17.51 0.50 7.84
N LEU A 47 16.60 -0.33 7.33
CA LEU A 47 15.26 -0.44 7.89
C LEU A 47 15.33 -1.19 9.20
N SER A 48 14.58 -0.71 10.19
CA SER A 48 14.32 -1.46 11.39
C SER A 48 12.82 -1.74 11.48
N VAL A 49 12.48 -3.01 11.69
CA VAL A 49 11.10 -3.42 11.89
C VAL A 49 11.04 -4.29 13.13
N SER A 50 10.33 -3.80 14.13
CA SER A 50 10.05 -4.55 15.33
C SER A 50 8.60 -5.01 15.27
N TYR A 51 8.38 -6.29 14.92
CA TYR A 51 7.05 -6.81 14.65
C TYR A 51 6.71 -8.02 15.52
N ASP A 52 7.51 -8.31 16.56
CA ASP A 52 7.29 -9.53 17.33
C ASP A 52 6.02 -9.41 18.17
N GLN A 53 5.64 -8.19 18.53
CA GLN A 53 4.45 -7.98 19.35
C GLN A 53 3.28 -7.48 18.49
N ALA A 54 3.32 -7.77 17.19
CA ALA A 54 2.30 -7.29 16.26
C ALA A 54 0.99 -7.98 16.57
N THR A 55 -0.11 -7.19 16.61
CA THR A 55 -1.42 -7.68 17.04
C THR A 55 -2.45 -7.38 15.96
N SER A 56 -2.66 -8.32 15.04
CA SER A 56 -3.72 -8.20 14.07
C SER A 56 -5.07 -8.39 14.77
N LEU A 57 -6.08 -7.67 14.30
CA LEU A 57 -7.40 -7.68 14.90
C LEU A 57 -8.42 -8.30 13.93
N ARG A 58 -8.48 -7.79 12.70
CA ARG A 58 -9.49 -8.22 11.74
C ARG A 58 -9.00 -8.06 10.30
N ILE A 59 -9.69 -8.75 9.38
CA ILE A 59 -9.53 -8.56 7.94
C ILE A 59 -10.87 -8.14 7.36
N LEU A 60 -10.88 -7.16 6.44
CA LEU A 60 -12.15 -6.64 5.94
C LEU A 60 -12.05 -6.30 4.46
N ASN A 61 -13.21 -6.36 3.78
CA ASN A 61 -13.31 -6.02 2.37
C ASN A 61 -14.00 -4.67 2.25
N ASN A 62 -13.25 -3.64 1.85
CA ASN A 62 -13.74 -2.27 1.89
C ASN A 62 -14.21 -1.84 0.50
N GLY A 63 -14.24 -2.78 -0.46
CA GLY A 63 -14.84 -2.53 -1.76
C GLY A 63 -13.81 -2.05 -2.78
N HIS A 64 -12.55 -1.88 -2.35
CA HIS A 64 -11.48 -1.60 -3.27
C HIS A 64 -10.27 -2.51 -2.98
N ALA A 65 -10.23 -3.13 -1.80
CA ALA A 65 -9.22 -4.12 -1.46
C ALA A 65 -9.62 -4.84 -0.19
N PHE A 66 -8.71 -5.62 0.39
CA PHE A 66 -8.93 -6.13 1.74
C PHE A 66 -7.83 -5.63 2.66
N ASN A 67 -8.24 -5.13 3.83
CA ASN A 67 -7.31 -4.62 4.83
C ASN A 67 -7.24 -5.57 6.03
N VAL A 68 -6.02 -5.98 6.38
CA VAL A 68 -5.75 -6.56 7.69
C VAL A 68 -5.35 -5.43 8.65
N GLU A 69 -6.06 -5.32 9.77
CA GLU A 69 -5.92 -4.19 10.67
C GLU A 69 -5.21 -4.61 11.95
N PHE A 70 -4.43 -3.69 12.54
CA PHE A 70 -3.59 -4.00 13.68
C PHE A 70 -3.90 -3.04 14.82
N ASP A 71 -3.82 -3.55 16.04
CA ASP A 71 -3.84 -2.69 17.21
C ASP A 71 -2.64 -1.74 17.15
N ASP A 72 -2.92 -0.44 17.14
CA ASP A 72 -1.88 0.57 17.05
C ASP A 72 -1.91 1.50 18.28
N SER A 73 -2.40 0.98 19.41
CA SER A 73 -2.53 1.77 20.63
C SER A 73 -1.16 1.89 21.33
N GLN A 74 -0.24 1.00 20.96
CA GLN A 74 1.11 1.01 21.51
C GLN A 74 2.10 0.68 20.40
N ASP A 75 3.39 0.81 20.70
CA ASP A 75 4.46 0.54 19.75
C ASP A 75 4.66 -0.96 19.59
N LYS A 76 3.58 -1.69 19.29
CA LYS A 76 3.63 -3.13 19.20
C LYS A 76 4.32 -3.56 17.90
N ALA A 77 4.20 -2.75 16.86
CA ALA A 77 4.68 -3.14 15.54
C ALA A 77 5.07 -1.89 14.78
N VAL A 78 6.37 -1.60 14.74
CA VAL A 78 6.81 -0.27 14.42
C VAL A 78 7.93 -0.34 13.41
N LEU A 79 8.00 0.71 12.57
CA LEU A 79 9.00 0.89 11.55
C LEU A 79 9.88 2.10 11.91
N LYS A 80 11.20 1.91 11.84
CA LYS A 80 12.15 2.96 12.24
C LYS A 80 13.37 2.92 11.32
N GLY A 81 14.23 3.92 11.47
CA GLY A 81 15.42 4.04 10.65
C GLY A 81 15.08 4.26 9.17
N GLY A 82 15.89 3.69 8.28
CA GLY A 82 15.78 3.97 6.87
C GLY A 82 15.82 5.48 6.61
N PRO A 83 14.85 6.05 5.89
CA PRO A 83 14.77 7.51 5.75
C PRO A 83 14.00 8.24 6.86
N LEU A 84 13.55 7.48 7.88
CA LEU A 84 12.55 7.99 8.81
C LEU A 84 13.22 8.54 10.06
N ASP A 85 12.68 9.66 10.55
CA ASP A 85 12.94 10.13 11.91
CA ASP A 85 12.95 10.13 11.91
C ASP A 85 11.77 9.72 12.78
N GLY A 86 12.06 9.19 13.97
CA GLY A 86 11.02 8.79 14.91
C GLY A 86 10.41 7.41 14.56
N THR A 87 9.25 7.13 15.18
CA THR A 87 8.65 5.81 15.23
C THR A 87 7.33 5.82 14.47
N TYR A 88 7.12 4.81 13.60
CA TYR A 88 5.92 4.70 12.79
C TYR A 88 5.20 3.40 13.12
N ARG A 89 3.95 3.50 13.63
CA ARG A 89 3.17 2.31 14.02
C ARG A 89 2.37 1.77 12.84
N LEU A 90 2.36 0.45 12.73
CA LEU A 90 1.64 -0.24 11.68
C LEU A 90 0.16 -0.23 12.03
N ILE A 91 -0.68 0.23 11.10
CA ILE A 91 -2.12 0.27 11.33
C ILE A 91 -2.80 -0.79 10.45
N GLN A 92 -2.35 -0.97 9.21
CA GLN A 92 -2.98 -1.95 8.33
C GLN A 92 -2.04 -2.29 7.19
N PHE A 93 -2.32 -3.43 6.54
CA PHE A 93 -1.72 -3.72 5.25
C PHE A 93 -2.81 -4.19 4.29
N HIS A 94 -2.51 -4.11 2.99
CA HIS A 94 -3.44 -4.47 1.93
C HIS A 94 -2.63 -4.71 0.65
N PHE A 95 -3.30 -5.17 -0.40
CA PHE A 95 -2.65 -5.44 -1.68
C PHE A 95 -3.37 -4.69 -2.80
N HIS A 96 -2.62 -4.41 -3.88
CA HIS A 96 -3.20 -4.17 -5.19
C HIS A 96 -2.75 -5.30 -6.12
N TRP A 97 -3.64 -5.76 -7.00
CA TRP A 97 -3.32 -6.84 -7.93
C TRP A 97 -4.03 -6.65 -9.27
N GLY A 98 -3.60 -7.44 -10.25
CA GLY A 98 -4.11 -7.35 -11.61
C GLY A 98 -5.04 -8.51 -11.96
N SER A 99 -5.63 -8.41 -13.15
CA SER A 99 -6.47 -9.46 -13.72
C SER A 99 -5.59 -10.56 -14.31
N LEU A 100 -4.41 -10.16 -14.79
CA LEU A 100 -3.42 -11.08 -15.34
C LEU A 100 -2.11 -10.88 -14.60
N ASP A 101 -1.22 -11.89 -14.69
CA ASP A 101 0.04 -11.90 -13.98
C ASP A 101 0.89 -10.68 -14.39
N GLY A 102 0.76 -10.26 -15.66
CA GLY A 102 1.62 -9.25 -16.25
C GLY A 102 1.32 -7.83 -15.76
N GLN A 103 0.51 -7.69 -14.71
CA GLN A 103 0.21 -6.38 -14.15
C GLN A 103 -0.42 -6.52 -12.76
N GLY A 104 -0.45 -5.42 -12.01
CA GLY A 104 -1.08 -5.40 -10.71
C GLY A 104 -0.37 -4.48 -9.74
N SER A 105 0.93 -4.26 -9.97
CA SER A 105 1.72 -3.34 -9.17
C SER A 105 1.35 -1.89 -9.50
N GLU A 106 1.64 -1.00 -8.54
CA GLU A 106 1.38 0.43 -8.69
C GLU A 106 2.68 1.12 -9.05
N HIS A 107 3.72 0.87 -8.26
CA HIS A 107 5.06 1.25 -8.67
C HIS A 107 5.51 0.28 -9.74
N THR A 108 6.36 0.77 -10.66
CA THR A 108 7.06 -0.07 -11.62
C THR A 108 8.57 0.19 -11.53
N VAL A 109 9.36 -0.76 -12.05
CA VAL A 109 10.80 -0.66 -12.05
C VAL A 109 11.29 -0.70 -13.50
N ASP A 110 11.72 0.47 -14.01
CA ASP A 110 12.02 0.61 -15.42
C ASP A 110 10.83 0.09 -16.25
N LYS A 111 9.62 0.50 -15.86
CA LYS A 111 8.39 0.20 -16.60
C LYS A 111 7.93 -1.24 -16.36
N LYS A 112 8.76 -2.07 -15.73
CA LYS A 112 8.37 -3.43 -15.40
C LYS A 112 7.27 -3.42 -14.35
N LYS A 113 6.10 -3.95 -14.71
CA LYS A 113 5.00 -4.16 -13.79
C LYS A 113 5.08 -5.55 -13.17
N TYR A 114 4.80 -5.62 -11.86
CA TYR A 114 4.70 -6.89 -11.15
C TYR A 114 3.23 -7.31 -11.07
N ALA A 115 3.01 -8.51 -10.51
CA ALA A 115 1.71 -9.15 -10.47
C ALA A 115 0.83 -8.52 -9.39
N ALA A 116 1.48 -7.94 -8.38
CA ALA A 116 0.76 -7.32 -7.27
C ALA A 116 1.74 -6.49 -6.46
N GLU A 117 1.19 -5.68 -5.54
CA GLU A 117 1.99 -4.86 -4.64
C GLU A 117 1.36 -4.89 -3.25
N LEU A 118 2.17 -5.25 -2.24
CA LEU A 118 1.72 -5.25 -0.85
C LEU A 118 2.13 -3.93 -0.20
N HIS A 119 1.21 -3.32 0.53
CA HIS A 119 1.47 -2.05 1.23
C HIS A 119 1.29 -2.25 2.74
N LEU A 120 2.38 -2.05 3.51
CA LEU A 120 2.28 -2.03 4.97
C LEU A 120 2.27 -0.59 5.43
N VAL A 121 1.13 -0.14 5.98
CA VAL A 121 0.86 1.27 6.23
C VAL A 121 1.17 1.58 7.69
N HIS A 122 2.00 2.60 7.91
CA HIS A 122 2.40 2.98 9.26
C HIS A 122 2.21 4.48 9.43
N TRP A 123 2.06 4.93 10.69
CA TRP A 123 1.81 6.33 10.95
C TRP A 123 2.72 6.86 12.07
N ASN A 124 3.15 8.09 11.89
CA ASN A 124 4.19 8.70 12.71
C ASN A 124 3.63 9.04 14.09
N THR A 125 4.22 8.47 15.14
CA THR A 125 3.77 8.67 16.51
C THR A 125 4.02 10.12 16.96
N LYS A 126 4.68 10.91 16.12
CA LYS A 126 4.85 12.32 16.40
C LYS A 126 3.47 13.00 16.53
N TYR A 127 2.43 12.45 15.86
CA TYR A 127 1.20 13.20 15.63
C TYR A 127 0.02 12.67 16.44
N GLY A 128 0.14 11.52 17.09
CA GLY A 128 -0.82 11.19 18.13
C GLY A 128 -1.88 10.18 17.67
N ASP A 129 -2.31 10.25 16.41
CA ASP A 129 -3.16 9.21 15.84
C ASP A 129 -3.14 9.31 14.32
N PHE A 130 -3.68 8.29 13.66
CA PHE A 130 -3.63 8.19 12.21
C PHE A 130 -4.27 9.43 11.57
N GLY A 131 -5.45 9.81 12.07
CA GLY A 131 -6.22 10.93 11.54
C GLY A 131 -5.40 12.22 11.42
N LYS A 132 -4.65 12.58 12.48
CA LYS A 132 -3.78 13.75 12.44
C LYS A 132 -2.59 13.50 11.50
N ALA A 133 -2.04 12.29 11.53
CA ALA A 133 -0.85 11.96 10.77
C ALA A 133 -1.06 12.20 9.25
N VAL A 134 -2.27 11.90 8.75
CA VAL A 134 -2.50 11.94 7.31
C VAL A 134 -2.56 13.38 6.83
N GLN A 135 -2.64 14.33 7.78
CA GLN A 135 -2.70 15.74 7.45
C GLN A 135 -1.29 16.33 7.35
N GLN A 136 -0.26 15.46 7.42
CA GLN A 136 1.12 15.94 7.50
C GLN A 136 1.97 15.28 6.43
N PRO A 137 2.97 16.02 5.89
CA PRO A 137 3.85 15.49 4.86
C PRO A 137 4.74 14.35 5.36
N ASP A 138 5.09 14.39 6.67
CA ASP A 138 5.89 13.36 7.29
C ASP A 138 5.00 12.44 8.12
N GLY A 139 3.73 12.37 7.76
CA GLY A 139 2.73 11.68 8.57
C GLY A 139 2.76 10.16 8.42
N LEU A 140 3.03 9.64 7.21
CA LEU A 140 2.92 8.19 6.94
C LEU A 140 4.21 7.64 6.33
N ALA A 141 4.51 6.38 6.69
CA ALA A 141 5.47 5.56 6.00
C ALA A 141 4.78 4.28 5.51
N VAL A 142 4.82 4.04 4.19
CA VAL A 142 4.27 2.82 3.61
C VAL A 142 5.42 1.99 3.03
N LEU A 143 5.54 0.75 3.52
CA LEU A 143 6.49 -0.20 2.98
C LEU A 143 5.85 -0.95 1.81
N GLY A 144 6.37 -0.73 0.60
CA GLY A 144 5.80 -1.33 -0.61
C GLY A 144 6.62 -2.54 -1.07
N ILE A 145 5.94 -3.66 -1.30
CA ILE A 145 6.60 -4.93 -1.62
C ILE A 145 5.95 -5.53 -2.86
N PHE A 146 6.78 -5.78 -3.88
CA PHE A 146 6.30 -6.33 -5.15
C PHE A 146 5.99 -7.82 -4.98
N LEU A 147 5.00 -8.28 -5.77
CA LEU A 147 4.70 -9.70 -5.84
C LEU A 147 4.92 -10.19 -7.26
N LYS A 148 5.62 -11.32 -7.37
CA LYS A 148 5.70 -12.08 -8.61
C LYS A 148 5.16 -13.48 -8.36
N VAL A 149 4.74 -14.15 -9.46
CA VAL A 149 4.13 -15.46 -9.37
C VAL A 149 5.22 -16.52 -9.54
N GLY A 150 5.14 -17.56 -8.70
CA GLY A 150 6.13 -18.62 -8.69
C GLY A 150 5.90 -19.56 -7.50
N SER A 151 6.91 -19.61 -6.62
CA SER A 151 6.82 -20.39 -5.39
C SER A 151 5.78 -19.79 -4.44
N ALA A 152 5.11 -20.67 -3.69
CA ALA A 152 4.16 -20.27 -2.67
C ALA A 152 4.86 -19.48 -1.57
N LYS A 153 4.12 -18.58 -0.93
CA LYS A 153 4.60 -17.85 0.24
C LYS A 153 3.92 -18.40 1.49
N PRO A 154 4.64 -19.21 2.31
CA PRO A 154 4.03 -19.86 3.47
C PRO A 154 3.24 -18.87 4.34
N GLY A 155 3.88 -17.74 4.68
CA GLY A 155 3.31 -16.77 5.60
C GLY A 155 2.14 -15.98 5.00
N LEU A 156 1.81 -16.24 3.73
CA LEU A 156 0.65 -15.62 3.10
C LEU A 156 -0.60 -16.46 3.35
N GLN A 157 -0.42 -17.74 3.66
CA GLN A 157 -1.47 -18.73 3.51
C GLN A 157 -2.59 -18.48 4.52
N LYS A 158 -2.22 -17.97 5.70
CA LYS A 158 -3.18 -17.63 6.73
C LYS A 158 -4.21 -16.63 6.16
N VAL A 159 -3.72 -15.66 5.37
CA VAL A 159 -4.56 -14.62 4.78
C VAL A 159 -5.44 -15.25 3.70
N VAL A 160 -4.80 -15.93 2.75
CA VAL A 160 -5.49 -16.54 1.61
C VAL A 160 -6.67 -17.37 2.10
N ASP A 161 -6.49 -18.03 3.26
CA ASP A 161 -7.37 -19.09 3.71
C ASP A 161 -8.66 -18.54 4.33
N VAL A 162 -8.82 -17.21 4.39
CA VAL A 162 -10.01 -16.62 4.98
C VAL A 162 -10.76 -15.80 3.94
N LEU A 163 -10.18 -15.66 2.74
CA LEU A 163 -10.64 -14.66 1.79
C LEU A 163 -12.10 -14.93 1.39
N ASP A 164 -12.52 -16.19 1.40
CA ASP A 164 -13.89 -16.53 1.02
C ASP A 164 -14.87 -15.90 2.01
N SER A 165 -14.44 -15.80 3.28
CA SER A 165 -15.29 -15.32 4.35
C SER A 165 -15.56 -13.82 4.20
N ILE A 166 -14.86 -13.14 3.29
CA ILE A 166 -15.05 -11.71 3.09
C ILE A 166 -15.09 -11.41 1.60
N LYS A 167 -15.94 -12.12 0.88
CA LYS A 167 -15.96 -12.07 -0.59
C LYS A 167 -16.45 -10.71 -1.07
N THR A 168 -17.52 -10.18 -0.44
CA THR A 168 -18.19 -8.99 -0.94
C THR A 168 -17.91 -7.79 -0.03
N LYS A 169 -18.07 -6.59 -0.60
CA LYS A 169 -17.89 -5.35 0.13
C LYS A 169 -18.73 -5.36 1.40
N GLY A 170 -18.12 -4.93 2.52
CA GLY A 170 -18.82 -4.79 3.79
C GLY A 170 -18.43 -5.89 4.78
N LYS A 171 -18.01 -7.04 4.26
CA LYS A 171 -17.77 -8.22 5.08
C LYS A 171 -16.42 -8.07 5.79
N SER A 172 -16.41 -8.39 7.09
CA SER A 172 -15.18 -8.53 7.85
C SER A 172 -15.21 -9.83 8.67
N ALA A 173 -14.04 -10.21 9.18
CA ALA A 173 -13.87 -11.39 10.02
C ALA A 173 -12.72 -11.15 10.99
N ASP A 174 -12.77 -11.83 12.14
CA ASP A 174 -11.67 -11.75 13.10
C ASP A 174 -10.42 -12.32 12.44
N PHE A 175 -9.24 -11.80 12.83
CA PHE A 175 -7.99 -12.22 12.24
C PHE A 175 -6.83 -11.89 13.18
N THR A 176 -6.56 -12.80 14.13
CA THR A 176 -5.60 -12.55 15.20
C THR A 176 -4.35 -13.39 14.97
N ASN A 177 -3.28 -13.01 15.66
CA ASN A 177 -2.02 -13.75 15.71
C ASN A 177 -1.42 -13.91 14.32
N PHE A 178 -1.69 -12.96 13.42
CA PHE A 178 -1.01 -12.94 12.14
C PHE A 178 0.33 -12.22 12.29
N ASP A 179 1.39 -12.87 11.74
CA ASP A 179 2.74 -12.33 11.78
C ASP A 179 3.09 -11.73 10.41
N PRO A 180 3.24 -10.41 10.31
CA PRO A 180 3.57 -9.76 9.04
C PRO A 180 5.03 -9.86 8.59
N ARG A 181 5.92 -10.30 9.49
CA ARG A 181 7.27 -10.64 9.08
C ARG A 181 7.23 -11.74 8.01
N GLY A 182 6.14 -12.51 7.96
CA GLY A 182 6.03 -13.62 7.04
C GLY A 182 5.74 -13.17 5.61
N LEU A 183 5.61 -11.84 5.40
CA LEU A 183 5.31 -11.33 4.08
C LEU A 183 6.51 -10.60 3.49
N LEU A 184 7.64 -10.65 4.21
CA LEU A 184 8.82 -9.88 3.85
C LEU A 184 9.70 -10.73 2.94
N PRO A 185 10.52 -10.12 2.06
CA PRO A 185 11.57 -10.85 1.34
C PRO A 185 12.89 -10.93 2.10
N GLU A 186 13.89 -11.56 1.50
CA GLU A 186 15.15 -11.85 2.19
C GLU A 186 15.99 -10.58 2.33
N SER A 187 16.00 -9.73 1.30
CA SER A 187 16.71 -8.46 1.35
C SER A 187 15.73 -7.32 1.57
N LEU A 188 16.13 -6.35 2.39
CA LEU A 188 15.35 -5.15 2.64
C LEU A 188 16.05 -3.94 2.03
N ASP A 189 16.81 -4.16 0.96
CA ASP A 189 17.27 -3.06 0.11
C ASP A 189 16.04 -2.34 -0.45
N TYR A 190 16.11 -1.00 -0.54
CA TYR A 190 14.93 -0.23 -0.88
C TYR A 190 15.25 0.99 -1.71
N TRP A 191 14.19 1.49 -2.37
CA TRP A 191 14.13 2.84 -2.89
C TRP A 191 13.17 3.66 -2.03
N THR A 192 13.44 4.97 -1.89
CA THR A 192 12.56 5.84 -1.13
C THR A 192 12.38 7.17 -1.87
N TYR A 193 11.18 7.76 -1.71
CA TYR A 193 10.86 9.05 -2.30
C TYR A 193 9.59 9.57 -1.64
N PRO A 194 9.41 10.89 -1.53
CA PRO A 194 8.19 11.44 -0.94
C PRO A 194 7.00 11.36 -1.89
N GLY A 195 5.83 10.96 -1.37
CA GLY A 195 4.69 10.69 -2.23
C GLY A 195 3.36 10.85 -1.52
N SER A 196 2.37 10.08 -1.99
CA SER A 196 0.97 10.28 -1.63
C SER A 196 0.31 8.94 -1.29
N LEU A 197 -0.93 9.02 -0.79
CA LEU A 197 -1.86 7.91 -0.87
C LEU A 197 -2.17 7.64 -2.34
N THR A 198 -2.24 6.35 -2.73
CA THR A 198 -2.56 5.97 -4.11
C THR A 198 -4.07 5.82 -4.30
N THR A 199 -4.86 6.04 -3.23
CA THR A 199 -6.32 6.10 -3.38
C THR A 199 -6.83 7.38 -2.73
N PRO A 200 -7.96 7.92 -3.21
CA PRO A 200 -8.56 9.10 -2.59
C PRO A 200 -8.67 8.90 -1.09
N PRO A 201 -8.32 9.90 -0.26
CA PRO A 201 -8.12 11.27 -0.72
C PRO A 201 -6.73 11.69 -1.21
N LEU A 202 -5.86 10.73 -1.53
CA LEU A 202 -4.62 10.98 -2.28
C LEU A 202 -3.74 12.04 -1.59
N LEU A 203 -3.84 12.17 -0.26
CA LEU A 203 -3.06 13.17 0.47
C LEU A 203 -1.56 12.86 0.35
N GLU A 204 -0.75 13.92 0.36
CA GLU A 204 0.66 13.78 0.06
C GLU A 204 1.45 13.68 1.38
N CYS A 205 1.26 12.55 2.07
CA CYS A 205 1.63 12.41 3.48
C CYS A 205 2.55 11.21 3.71
N VAL A 206 3.14 10.66 2.62
CA VAL A 206 3.75 9.34 2.63
C VAL A 206 5.22 9.45 2.23
N THR A 207 6.12 8.98 3.11
CA THR A 207 7.44 8.55 2.73
C THR A 207 7.33 7.13 2.22
N TRP A 208 7.53 6.92 0.91
CA TRP A 208 7.45 5.59 0.32
C TRP A 208 8.78 4.89 0.52
N ILE A 209 8.71 3.62 0.92
CA ILE A 209 9.85 2.74 1.01
C ILE A 209 9.55 1.48 0.20
N VAL A 210 10.08 1.40 -1.02
CA VAL A 210 9.76 0.30 -1.92
C VAL A 210 10.93 -0.69 -1.97
N LEU A 211 10.65 -1.94 -1.57
CA LEU A 211 11.66 -2.98 -1.53
C LEU A 211 12.01 -3.43 -2.96
N LYS A 212 13.31 -3.70 -3.18
CA LYS A 212 13.86 -4.09 -4.47
C LYS A 212 13.55 -5.55 -4.77
N GLU A 213 13.71 -6.41 -3.76
CA GLU A 213 13.47 -7.84 -3.90
C GLU A 213 11.96 -8.12 -3.83
N PRO A 214 11.35 -8.67 -4.89
CA PRO A 214 9.95 -9.11 -4.83
C PRO A 214 9.81 -10.33 -3.93
N ILE A 215 8.59 -10.60 -3.43
CA ILE A 215 8.30 -11.92 -2.88
C ILE A 215 7.63 -12.75 -3.96
N SER A 216 7.90 -14.06 -3.92
CA SER A 216 7.22 -15.04 -4.76
C SER A 216 5.92 -15.46 -4.06
N VAL A 217 4.85 -15.56 -4.84
CA VAL A 217 3.62 -16.18 -4.39
C VAL A 217 3.19 -17.22 -5.43
N SER A 218 2.33 -18.16 -5.01
CA SER A 218 1.91 -19.24 -5.89
C SER A 218 0.72 -18.78 -6.73
N SER A 219 0.61 -19.39 -7.92
CA SER A 219 -0.51 -19.19 -8.83
C SER A 219 -1.84 -19.30 -8.08
N GLU A 220 -1.95 -20.35 -7.25
CA GLU A 220 -3.17 -20.61 -6.48
CA GLU A 220 -3.14 -20.63 -6.46
C GLU A 220 -3.43 -19.46 -5.51
N GLN A 221 -2.35 -18.83 -5.00
CA GLN A 221 -2.49 -17.74 -4.04
C GLN A 221 -3.08 -16.50 -4.71
N VAL A 222 -2.56 -16.13 -5.89
CA VAL A 222 -3.00 -14.91 -6.56
C VAL A 222 -4.44 -15.09 -7.06
N LEU A 223 -4.80 -16.32 -7.45
CA LEU A 223 -6.12 -16.57 -8.02
C LEU A 223 -7.20 -16.41 -6.93
N LYS A 224 -6.81 -16.59 -5.67
CA LYS A 224 -7.74 -16.45 -4.57
C LYS A 224 -8.05 -14.96 -4.36
N PHE A 225 -7.04 -14.11 -4.59
CA PHE A 225 -7.22 -12.65 -4.63
C PHE A 225 -8.27 -12.29 -5.67
N ARG A 226 -8.09 -12.84 -6.89
CA ARG A 226 -8.88 -12.43 -8.05
C ARG A 226 -10.35 -12.88 -7.90
N LYS A 227 -10.62 -13.75 -6.92
CA LYS A 227 -11.98 -14.27 -6.70
C LYS A 227 -12.82 -13.29 -5.88
N LEU A 228 -12.19 -12.23 -5.34
CA LEU A 228 -12.90 -11.25 -4.51
C LEU A 228 -13.83 -10.41 -5.38
N ASN A 229 -14.75 -9.68 -4.72
CA ASN A 229 -15.76 -8.85 -5.38
C ASN A 229 -15.69 -7.41 -4.84
N PHE A 230 -15.69 -6.43 -5.77
CA PHE A 230 -15.90 -5.02 -5.44
C PHE A 230 -17.33 -4.82 -4.91
N ASN A 231 -18.30 -5.40 -5.63
CA ASN A 231 -19.71 -5.28 -5.31
C ASN A 231 -19.99 -5.76 -3.88
N GLY A 232 -21.10 -5.28 -3.32
CA GLY A 232 -21.66 -5.84 -2.11
C GLY A 232 -22.45 -7.11 -2.40
N GLU A 233 -22.82 -7.84 -1.35
CA GLU A 233 -23.55 -9.07 -1.50
C GLU A 233 -24.89 -8.77 -2.17
N GLY A 234 -25.22 -9.55 -3.20
CA GLY A 234 -26.53 -9.48 -3.85
C GLY A 234 -26.45 -8.76 -5.20
N GLU A 235 -25.51 -7.80 -5.32
CA GLU A 235 -25.35 -7.03 -6.54
C GLU A 235 -24.83 -7.94 -7.66
N PRO A 236 -24.80 -7.47 -8.94
CA PRO A 236 -24.06 -8.15 -9.99
C PRO A 236 -22.57 -8.21 -9.66
N GLU A 237 -21.94 -9.35 -10.00
CA GLU A 237 -20.56 -9.62 -9.58
C GLU A 237 -19.58 -8.87 -10.48
N GLU A 238 -18.86 -7.92 -9.87
CA GLU A 238 -17.64 -7.39 -10.44
C GLU A 238 -16.46 -7.88 -9.61
N LEU A 239 -15.64 -8.73 -10.22
CA LEU A 239 -14.45 -9.26 -9.57
C LEU A 239 -13.52 -8.10 -9.21
N MET A 240 -12.97 -8.16 -7.99
CA MET A 240 -11.96 -7.23 -7.53
C MET A 240 -10.62 -7.59 -8.18
N VAL A 241 -10.35 -6.96 -9.33
CA VAL A 241 -9.10 -7.12 -10.04
C VAL A 241 -8.71 -5.77 -10.64
N ASP A 242 -7.41 -5.56 -10.84
CA ASP A 242 -6.89 -4.34 -11.43
C ASP A 242 -7.24 -3.14 -10.52
N ASN A 243 -6.96 -3.28 -9.22
CA ASN A 243 -7.24 -2.23 -8.25
C ASN A 243 -5.97 -1.43 -7.99
N TRP A 244 -5.29 -1.05 -9.08
CA TRP A 244 -4.03 -0.32 -9.01
C TRP A 244 -4.16 0.99 -9.76
N ARG A 245 -3.34 1.97 -9.33
CA ARG A 245 -3.22 3.26 -10.00
C ARG A 245 -1.97 3.23 -10.86
N PRO A 246 -2.02 3.76 -12.11
CA PRO A 246 -0.82 3.85 -12.95
C PRO A 246 0.21 4.85 -12.43
N ALA A 247 1.43 4.75 -12.97
CA ALA A 247 2.53 5.61 -12.57
C ALA A 247 2.16 7.08 -12.82
N GLN A 248 2.49 7.93 -11.84
CA GLN A 248 2.17 9.35 -11.90
C GLN A 248 3.44 10.12 -12.25
N PRO A 249 3.32 11.38 -12.73
CA PRO A 249 4.48 12.20 -13.01
C PRO A 249 5.34 12.34 -11.76
N LEU A 250 6.65 12.17 -11.94
CA LEU A 250 7.61 12.24 -10.86
C LEU A 250 7.84 13.71 -10.51
N LYS A 251 7.82 14.57 -11.54
CA LYS A 251 7.96 16.00 -11.35
C LYS A 251 9.33 16.30 -10.78
N ASN A 252 9.35 16.98 -9.63
CA ASN A 252 10.56 17.60 -9.13
CA ASN A 252 10.56 17.60 -9.13
C ASN A 252 11.41 16.57 -8.37
N ARG A 253 10.82 15.41 -8.07
CA ARG A 253 11.30 14.58 -6.97
C ARG A 253 12.48 13.71 -7.39
N GLN A 254 13.32 13.34 -6.42
CA GLN A 254 14.39 12.40 -6.65
C GLN A 254 14.12 11.11 -5.85
N ILE A 255 14.27 9.98 -6.54
CA ILE A 255 14.22 8.67 -5.93
C ILE A 255 15.63 8.28 -5.51
N LYS A 256 15.77 7.87 -4.23
CA LYS A 256 17.05 7.46 -3.68
C LYS A 256 17.06 5.96 -3.45
N ALA A 257 18.25 5.36 -3.61
CA ALA A 257 18.44 3.94 -3.39
C ALA A 257 19.28 3.75 -2.13
N SER A 258 18.93 2.71 -1.34
CA SER A 258 19.67 2.38 -0.14
C SER A 258 20.90 1.55 -0.50
N PHE A 259 20.93 1.05 -1.73
CA PHE A 259 21.94 0.09 -2.16
C PHE A 259 22.68 0.63 -3.39
N LYS A 260 23.88 0.09 -3.63
CA LYS A 260 24.77 0.58 -4.67
C LYS A 260 24.54 -0.20 -5.96
OAA 4SO B 1 -0.98 2.38 0.76
OAB 4SO B 1 -5.98 5.13 4.94
CAC 4SO B 1 -5.11 5.03 1.41
CAD 4SO B 1 -4.09 4.61 0.56
CAE 4SO B 1 -2.96 4.02 1.10
SAF 4SO B 1 -1.75 3.35 0.02
NAG 4SO B 1 -2.54 2.58 -1.16
CAH 4SO B 1 -6.13 5.21 3.71
CAI 4SO B 1 -5.01 4.87 2.78
CAJ 4SO B 1 -3.86 4.29 3.30
CAK 4SO B 1 -2.83 3.87 2.47
OAL 4SO B 1 -1.05 4.45 -0.59
O A1IJ4 B 2 -14.84 8.18 4.64
C A1IJ4 B 2 -15.19 9.03 5.46
C118 A1IJ4 B 2 -13.65 8.29 7.21
C119 A1IJ4 B 2 -13.05 8.87 8.49
C120 A1IJ4 B 2 -11.97 7.98 9.11
C121 A1IJ4 B 2 -10.94 7.46 8.12
C122 A1IJ4 B 2 -9.16 8.39 6.76
C123 A1IJ4 B 2 -8.32 9.44 6.43
N31 A1IJ4 B 2 -14.69 9.15 6.68
O71 A1IJ4 B 2 -9.95 8.50 7.88
C124 A1IJ4 B 2 -9.19 7.23 5.98
C125 A1IJ4 B 2 -7.51 9.32 5.30
C126 A1IJ4 B 2 -7.54 8.18 4.52
C127 A1IJ4 B 2 -8.38 7.12 4.86
C128 A1IJ4 B 2 -8.47 5.90 3.97
N A1IJ4 B 2 -7.29 5.62 3.17
C2 QUJ B 3 -17.01 10.20 4.14
C3 QUJ B 3 -17.05 9.32 3.06
C4 QUJ B 3 -18.01 9.44 2.07
C5 QUJ B 3 -18.95 10.44 2.14
C6 QUJ B 3 -18.95 11.36 3.22
C8 QUJ B 3 -19.87 12.43 3.35
C9 QUJ B 3 -19.79 13.29 4.42
CA QUJ B 3 -18.78 13.10 5.35
O QUJ B 3 -19.39 14.99 6.73
C QUJ B 3 -18.59 14.06 6.47
N11 QUJ B 3 -17.89 12.12 5.29
C7 QUJ B 3 -17.97 11.25 4.22
N QUJ B 3 -16.17 9.97 5.19
OB QUJ B 3 -20.76 12.56 2.31
CG QUJ B 3 -21.61 13.71 2.30
CD QUJ B 3 -22.80 13.47 1.40
CE2 QUJ B 3 -22.55 12.36 0.35
CE1 QUJ B 3 -23.17 14.79 0.71
O ZY9 B 4 -11.62 12.14 7.90
C ZY9 B 4 -12.76 12.56 7.59
CA ZY9 B 4 -13.62 13.33 8.51
N11 ZY9 B 4 -14.89 13.56 8.10
C9 ZY9 B 4 -13.12 13.84 9.71
C8 ZY9 B 4 -13.94 14.62 10.51
C6 ZY9 B 4 -15.25 14.87 10.09
C7 ZY9 B 4 -15.68 14.33 8.89
C2 ZY9 B 4 -17.05 14.68 8.33
N ZY9 B 4 -17.45 13.88 7.17
OB QVS B 5 -13.34 10.30 0.63
C8 QVS B 5 -13.76 11.10 1.64
C9 QVS B 5 -14.79 12.00 1.52
CA QVS B 5 -15.09 12.82 2.63
C QVS B 5 -16.20 13.81 2.58
O QVS B 5 -17.06 13.84 1.70
N11 QVS B 5 -14.44 12.76 3.79
C7 QVS B 5 -13.42 11.84 3.90
C6 QVS B 5 -13.03 11.00 2.84
C5 QVS B 5 -11.97 10.08 3.04
C4 QVS B 5 -11.34 9.99 4.26
C3 QVS B 5 -11.72 10.82 5.31
C2 QVS B 5 -12.77 11.73 5.17
N QVS B 5 -13.28 12.44 6.31
O QUK B 6 -13.49 17.53 8.41
C QUK B 6 -13.80 16.91 7.36
C10 QUK B 6 -15.17 17.14 6.74
N11 QUK B 6 -15.48 16.36 5.71
C7 QUK B 6 -16.64 16.61 5.05
CA QUK B 6 -16.97 15.79 3.94
N QUK B 6 -16.13 14.73 3.61
C9 QUK B 6 -15.96 18.19 7.20
C8 QUK B 6 -17.14 18.45 6.53
C6 QUK B 6 -17.52 17.66 5.43
C5 QUK B 6 -18.70 17.88 4.66
C4 QUK B 6 -18.99 17.08 3.58
C3 QUK B 6 -18.14 16.05 3.21
OB QUK B 6 -18.01 19.46 6.84
CG QUK B 6 -17.65 20.34 7.92
CD QUK B 6 -18.54 21.56 7.84
CE QUK B 6 -18.29 22.66 8.88
N1 QUK B 6 -17.39 22.24 10.00
O ZY9 B 7 -11.43 13.83 1.45
C ZY9 B 7 -11.73 14.52 2.44
CA ZY9 B 7 -11.01 14.43 3.74
N11 ZY9 B 7 -11.51 15.18 4.74
C9 ZY9 B 7 -9.91 13.59 3.92
C8 ZY9 B 7 -9.32 13.52 5.17
C6 ZY9 B 7 -9.82 14.28 6.22
C7 ZY9 B 7 -10.92 15.09 5.97
C2 ZY9 B 7 -11.62 15.82 7.09
N ZY9 B 7 -13.00 16.08 6.71
O QVE B 8 -15.29 20.43 4.44
C QVE B 8 -14.65 19.48 4.05
CA QVE B 8 -15.06 18.67 2.88
N11 QVE B 8 -14.27 17.62 2.66
C7 QVE B 8 -14.51 16.85 1.59
C2 QVE B 8 -13.63 15.79 1.34
N QVE B 8 -12.73 15.46 2.42
C9 QVE B 8 -16.13 19.02 2.06
C8 QVE B 8 -16.39 18.23 0.95
OB QVE B 8 -17.41 18.42 0.06
CG QVE B 8 -18.47 19.30 0.46
CD QVE B 8 -19.81 18.79 -0.06
OE2 QVE B 8 -19.77 18.15 -1.15
OE1 QVE B 8 -20.86 19.00 0.62
C6 QVE B 8 -15.56 17.12 0.67
C5 QVE B 8 -15.67 16.31 -0.49
C4 QVE B 8 -14.79 15.28 -0.72
C3 QVE B 8 -13.77 15.01 0.19
O ZY9 B 9 -7.92 16.88 4.11
C ZY9 B 9 -9.06 17.27 4.15
CA ZY9 B 9 -9.62 18.13 5.22
N11 ZY9 B 9 -10.90 18.51 5.05
C9 ZY9 B 9 -8.88 18.49 6.33
C8 ZY9 B 9 -9.46 19.28 7.31
C6 ZY9 B 9 -10.77 19.69 7.15
C7 ZY9 B 9 -11.47 19.29 6.02
C2 ZY9 B 9 -12.90 19.72 5.77
N ZY9 B 9 -13.51 19.08 4.62
O ZY9 B 10 -13.98 19.81 -0.89
C ZY9 B 10 -13.03 19.56 -0.18
CA ZY9 B 10 -12.11 18.43 -0.42
N11 ZY9 B 10 -11.22 18.19 0.56
C9 ZY9 B 10 -12.19 17.65 -1.56
C8 ZY9 B 10 -11.33 16.59 -1.72
C6 ZY9 B 10 -10.41 16.32 -0.72
C7 ZY9 B 10 -10.38 17.14 0.40
C2 ZY9 B 10 -9.40 16.91 1.53
N ZY9 B 10 -9.89 17.55 2.74
OB QVS B 11 -13.54 24.51 5.14
C8 QVS B 11 -12.83 23.60 4.47
C9 QVS B 11 -11.58 23.18 4.87
CA QVS B 11 -10.95 22.19 4.11
C QVS B 11 -9.55 21.78 4.40
O QVS B 11 -8.89 22.17 5.39
N11 QVS B 11 -11.47 21.63 3.03
C7 QVS B 11 -12.71 22.05 2.63
C6 QVS B 11 -13.43 23.05 3.33
C5 QVS B 11 -14.70 23.45 2.85
C4 QVS B 11 -15.24 22.87 1.72
C3 QVS B 11 -14.54 21.87 1.04
C2 QVS B 11 -13.28 21.45 1.49
N QVS B 11 -12.67 20.34 0.92
N A1IJP B 12 -9.03 20.99 3.42
C A1IJP B 12 -8.88 19.87 -1.33
O A1IJP B 12 -8.88 19.28 -2.43
CB A1IJP B 12 -3.87 18.68 2.80
CG A1IJP B 12 -3.02 18.69 4.05
CD A1IJP B 12 -1.69 17.99 3.84
CE1 A1IJP B 12 -0.56 18.70 3.48
CE2 A1IJP B 12 0.63 18.05 3.21
CE3 A1IJP B 12 0.70 16.67 3.30
CE4 A1IJP B 12 -0.42 15.96 3.65
CE5 A1IJP B 12 -1.60 16.61 3.92
C2 A1IJP B 12 -7.79 20.45 3.27
C3 A1IJP B 12 -6.91 20.37 4.33
C4 A1IJP B 12 -5.68 19.74 4.20
C5 A1IJP B 12 -5.30 19.17 2.99
C6 A1IJP B 12 -6.19 19.23 1.87
C7 A1IJP B 12 -7.43 19.89 2.01
C8 A1IJP B 12 -5.88 18.73 0.59
C9 A1IJP B 12 -6.76 18.88 -0.44
CA A1IJP B 12 -7.95 19.56 -0.22
N11 A1IJP B 12 -8.31 20.05 0.97
OD1 QDD B 13 -16.36 23.94 -1.68
CG QDD B 13 -15.59 24.81 -1.22
OD2 QDD B 13 -15.82 25.50 -0.20
CB QDD B 13 -14.29 25.07 -1.97
C8 QDD B 13 -13.10 24.38 -1.33
C9 QDD B 13 -12.56 24.90 -0.18
C10 QDD B 13 -11.45 24.29 0.39
C QDD B 13 -10.81 24.86 1.60
O QDD B 13 -11.31 25.72 2.28
N11 QDD B 13 -10.86 23.21 -0.09
C7 QDD B 13 -11.38 22.67 -1.23
C6 QDD B 13 -12.49 23.22 -1.89
C5 QDD B 13 -12.96 22.60 -3.08
C4 QDD B 13 -12.32 21.49 -3.59
C3 QDD B 13 -11.22 20.94 -2.93
C2 QDD B 13 -10.75 21.52 -1.76
N QDD B 13 -9.70 20.93 -1.03
O ZY9 B 14 -4.30 21.77 0.33
C ZY9 B 14 -5.31 22.42 0.47
CA ZY9 B 14 -5.73 22.98 1.78
N11 ZY9 B 14 -6.97 23.53 1.82
C9 ZY9 B 14 -4.89 22.97 2.89
C8 ZY9 B 14 -5.33 23.53 4.07
C6 ZY9 B 14 -6.59 24.09 4.13
C7 ZY9 B 14 -7.39 24.08 3.00
C2 ZY9 B 14 -8.75 24.74 2.98
N ZY9 B 14 -9.61 24.33 1.88
O QVE B 15 -10.62 25.76 -2.98
C QVE B 15 -9.58 25.32 -2.50
CA QVE B 15 -8.81 24.20 -3.09
N11 QVE B 15 -7.85 23.73 -2.31
C7 QVE B 15 -7.01 22.79 -2.81
C2 QVE B 15 -6.03 22.28 -1.93
N QVE B 15 -6.14 22.71 -0.57
C9 QVE B 15 -9.02 23.76 -4.40
C8 QVE B 15 -8.18 22.82 -4.92
OB QVE B 15 -8.22 22.37 -6.21
CG QVE B 15 -9.27 22.86 -7.03
CD QVE B 15 -9.16 22.46 -8.49
OE2 QVE B 15 -8.03 22.14 -8.91
OE1 QVE B 15 -10.20 22.49 -9.17
C6 QVE B 15 -7.13 22.29 -4.11
C5 QVE B 15 -6.21 21.28 -4.54
C4 QVE B 15 -5.25 20.80 -3.67
C3 QVE B 15 -5.16 21.29 -2.37
O QUK B 16 -4.64 26.52 2.83
C QUK B 16 -5.20 26.44 1.72
C10 QUK B 16 -6.49 27.22 1.52
N11 QUK B 16 -7.32 26.76 0.59
C7 QUK B 16 -8.50 27.39 0.41
CA QUK B 16 -9.39 26.87 -0.57
N QUK B 16 -8.98 25.82 -1.37
C9 QUK B 16 -6.79 28.34 2.33
C8 QUK B 16 -7.99 28.99 2.15
C6 QUK B 16 -8.89 28.51 1.17
C5 QUK B 16 -10.16 29.08 0.95
C4 QUK B 16 -11.00 28.57 0.00
C3 QUK B 16 -10.61 27.47 -0.76
OB QUK B 16 -8.41 30.11 2.81
CG QUK B 16 -7.57 30.67 3.81
CD QUK B 16 -8.46 31.26 4.86
CE QUK B 16 -7.74 32.22 5.78
OXT QUK B 16 -4.74 25.83 0.72
N1 QUK B 16 -6.35 31.78 6.06
ZN ZN C . -2.01 0.67 -1.32
C1 GOL D . -7.89 3.65 9.19
O1 GOL D . -8.96 4.58 9.25
C2 GOL D . -7.21 3.67 7.84
O2 GOL D . -7.81 2.68 7.01
C3 GOL D . -5.71 3.43 7.92
O3 GOL D . -5.17 2.99 6.69
C1 GOL E . -7.49 0.58 17.34
O1 GOL E . -6.21 0.88 17.88
C2 GOL E . -7.53 0.69 15.83
O2 GOL E . -6.63 1.71 15.39
C3 GOL E . -7.22 -0.61 15.13
O3 GOL E . -6.71 -0.40 13.81
C1 GOL F . -5.63 1.09 -13.89
O1 GOL F . -4.86 0.00 -13.40
C2 GOL F . -7.02 0.65 -14.29
O2 GOL F . -7.58 -0.16 -13.25
C3 GOL F . -7.94 1.82 -14.61
O3 GOL F . -9.09 1.82 -13.77
#